data_2GJ0
#
_entry.id   2GJ0
#
_entity_poly.entity_id   1
_entity_poly.type   'polypeptide(L)'
_entity_poly.pdbx_seq_one_letter_code
;GSIPACGESCFKGKCYTPGCSCSKYPLCAKN
;
_entity_poly.pdbx_strand_id   A
#
# COMPACT_ATOMS: atom_id res chain seq x y z
N GLY A 1 -1.42 -5.08 5.86
CA GLY A 1 -0.16 -5.80 5.96
C GLY A 1 0.12 -6.70 4.77
N SER A 2 -0.93 -7.05 4.03
CA SER A 2 -0.79 -7.92 2.87
C SER A 2 -0.41 -7.13 1.62
N ILE A 3 0.78 -7.42 1.09
CA ILE A 3 1.29 -6.74 -0.10
C ILE A 3 0.53 -7.15 -1.37
N PRO A 4 0.48 -8.46 -1.71
CA PRO A 4 -0.20 -8.94 -2.92
C PRO A 4 -1.69 -8.62 -2.95
N ALA A 5 -2.29 -8.47 -1.78
CA ALA A 5 -3.71 -8.19 -1.68
C ALA A 5 -4.05 -6.80 -2.22
N CYS A 6 -3.26 -5.80 -1.84
CA CYS A 6 -3.51 -4.43 -2.29
C CYS A 6 -2.92 -4.18 -3.68
N GLY A 7 -1.63 -4.48 -3.84
CA GLY A 7 -0.97 -4.26 -5.12
C GLY A 7 -0.89 -2.78 -5.48
N GLU A 8 -0.85 -1.94 -4.46
CA GLU A 8 -0.77 -0.49 -4.66
C GLU A 8 0.65 0.00 -4.38
N SER A 9 1.01 1.14 -4.93
CA SER A 9 2.34 1.68 -4.74
C SER A 9 2.30 3.10 -4.18
N CYS A 10 2.98 3.31 -3.06
CA CYS A 10 3.02 4.61 -2.43
C CYS A 10 4.27 5.38 -2.84
N PHE A 11 4.09 6.67 -3.06
CA PHE A 11 5.18 7.55 -3.47
C PHE A 11 4.86 8.98 -3.02
N LYS A 12 4.88 9.93 -3.95
CA LYS A 12 4.54 11.32 -3.64
C LYS A 12 3.03 11.48 -3.54
N GLY A 13 2.40 10.61 -2.78
CA GLY A 13 0.97 10.63 -2.61
C GLY A 13 0.51 9.50 -1.70
N LYS A 14 -0.64 9.68 -1.07
CA LYS A 14 -1.19 8.69 -0.18
C LYS A 14 -1.66 7.46 -0.95
N CYS A 15 -1.87 6.36 -0.25
CA CYS A 15 -2.32 5.11 -0.87
C CYS A 15 -3.64 5.32 -1.62
N TYR A 16 -3.73 4.76 -2.80
CA TYR A 16 -4.91 4.89 -3.62
C TYR A 16 -5.99 3.93 -3.16
N THR A 17 -5.59 2.69 -2.89
CA THR A 17 -6.53 1.68 -2.46
C THR A 17 -6.89 1.87 -0.98
N PRO A 18 -8.18 2.14 -0.70
CA PRO A 18 -8.66 2.36 0.66
C PRO A 18 -8.37 1.17 1.58
N GLY A 19 -7.83 1.47 2.74
CA GLY A 19 -7.49 0.44 3.70
C GLY A 19 -6.04 0.03 3.62
N CYS A 20 -5.35 0.41 2.56
CA CYS A 20 -3.95 0.05 2.42
C CYS A 20 -3.05 1.08 3.09
N SER A 21 -1.96 0.62 3.65
CA SER A 21 -1.00 1.48 4.31
C SER A 21 0.38 1.30 3.71
N CYS A 22 1.11 2.40 3.56
CA CYS A 22 2.47 2.36 3.00
C CYS A 22 3.46 1.83 4.03
N SER A 23 3.15 0.67 4.59
CA SER A 23 4.00 0.04 5.60
C SER A 23 5.04 -0.85 4.95
N LYS A 24 5.19 -0.73 3.63
CA LYS A 24 6.14 -1.53 2.86
C LYS A 24 6.62 -0.74 1.65
N TYR A 25 7.33 0.35 1.90
CA TYR A 25 7.84 1.20 0.83
C TYR A 25 8.57 0.38 -0.23
N PRO A 26 8.36 0.72 -1.51
CA PRO A 26 7.50 1.81 -1.94
C PRO A 26 6.11 1.36 -2.39
N LEU A 27 5.45 0.53 -1.59
CA LEU A 27 4.12 0.04 -1.95
C LEU A 27 3.20 -0.03 -0.73
N CYS A 28 1.91 0.15 -0.99
CA CYS A 28 0.91 0.11 0.05
C CYS A 28 0.38 -1.30 0.24
N ALA A 29 0.47 -1.80 1.47
CA ALA A 29 -0.02 -3.13 1.79
C ALA A 29 -1.43 -3.05 2.36
N LYS A 30 -2.28 -3.98 1.97
CA LYS A 30 -3.65 -4.01 2.46
C LYS A 30 -3.69 -4.81 3.74
N ASN A 31 -3.78 -4.11 4.87
CA ASN A 31 -3.79 -4.73 6.18
C ASN A 31 -2.54 -5.58 6.37
N GLY A 1 -1.12 -5.11 5.83
CA GLY A 1 0.09 -5.89 5.88
C GLY A 1 0.41 -6.64 4.60
N SER A 2 -0.63 -7.09 3.90
CA SER A 2 -0.44 -7.85 2.66
C SER A 2 -0.29 -6.92 1.45
N ILE A 3 0.83 -7.05 0.75
CA ILE A 3 1.10 -6.24 -0.44
C ILE A 3 0.26 -6.70 -1.64
N PRO A 4 0.30 -8.01 -2.02
CA PRO A 4 -0.46 -8.52 -3.17
C PRO A 4 -1.96 -8.25 -3.06
N ALA A 5 -2.46 -8.23 -1.83
CA ALA A 5 -3.87 -7.97 -1.60
C ALA A 5 -4.26 -6.56 -1.99
N CYS A 6 -3.35 -5.62 -1.78
CA CYS A 6 -3.61 -4.23 -2.11
C CYS A 6 -3.36 -3.96 -3.59
N GLY A 7 -2.20 -4.38 -4.08
CA GLY A 7 -1.86 -4.17 -5.47
C GLY A 7 -1.68 -2.70 -5.81
N GLU A 8 -1.03 -1.95 -4.92
CA GLU A 8 -0.81 -0.53 -5.14
C GLU A 8 0.58 -0.11 -4.66
N SER A 9 1.18 0.81 -5.39
CA SER A 9 2.49 1.33 -5.07
C SER A 9 2.38 2.60 -4.23
N CYS A 10 3.28 2.75 -3.27
CA CYS A 10 3.28 3.91 -2.40
C CYS A 10 4.11 5.04 -2.99
N PHE A 11 5.15 4.69 -3.75
CA PHE A 11 6.04 5.68 -4.37
C PHE A 11 5.28 6.60 -5.34
N LYS A 12 4.06 6.23 -5.69
CA LYS A 12 3.24 7.02 -6.60
C LYS A 12 2.83 8.33 -5.94
N GLY A 13 2.76 8.34 -4.61
CA GLY A 13 2.38 9.54 -3.89
C GLY A 13 1.61 9.20 -2.63
N LYS A 14 0.66 8.29 -2.77
CA LYS A 14 -0.16 7.84 -1.66
C LYS A 14 -0.94 6.60 -2.07
N CYS A 15 -1.37 5.82 -1.10
CA CYS A 15 -2.13 4.61 -1.36
C CYS A 15 -3.51 4.97 -1.89
N TYR A 16 -3.86 4.42 -3.04
CA TYR A 16 -5.17 4.69 -3.64
C TYR A 16 -6.21 3.75 -3.06
N THR A 17 -5.83 2.49 -2.94
CA THR A 17 -6.71 1.46 -2.44
C THR A 17 -7.03 1.67 -0.96
N PRO A 18 -8.32 1.93 -0.65
CA PRO A 18 -8.78 2.16 0.71
C PRO A 18 -8.42 1.00 1.63
N GLY A 19 -7.87 1.33 2.78
CA GLY A 19 -7.49 0.32 3.73
C GLY A 19 -6.01 -0.04 3.65
N CYS A 20 -5.33 0.44 2.61
CA CYS A 20 -3.91 0.14 2.47
C CYS A 20 -3.06 1.18 3.17
N SER A 21 -1.93 0.74 3.69
CA SER A 21 -1.00 1.62 4.38
C SER A 21 0.40 1.44 3.81
N CYS A 22 1.16 2.53 3.74
CA CYS A 22 2.52 2.49 3.22
C CYS A 22 3.47 1.89 4.26
N SER A 23 3.12 0.71 4.76
CA SER A 23 3.90 0.03 5.77
C SER A 23 4.93 -0.91 5.13
N LYS A 24 5.10 -0.77 3.82
CA LYS A 24 6.04 -1.59 3.08
C LYS A 24 6.60 -0.77 1.92
N TYR A 25 7.12 0.40 2.25
CA TYR A 25 7.69 1.33 1.26
C TYR A 25 8.65 0.59 0.32
N PRO A 26 8.57 0.89 -1.00
CA PRO A 26 7.67 1.88 -1.56
C PRO A 26 6.33 1.30 -2.05
N LEU A 27 5.81 0.32 -1.33
CA LEU A 27 4.54 -0.30 -1.71
C LEU A 27 3.50 -0.15 -0.61
N CYS A 28 2.24 -0.20 -1.02
CA CYS A 28 1.13 -0.09 -0.08
C CYS A 28 0.62 -1.47 0.30
N ALA A 29 0.58 -1.74 1.59
CA ALA A 29 0.12 -3.02 2.08
C ALA A 29 -1.33 -2.94 2.56
N LYS A 30 -2.13 -3.89 2.13
CA LYS A 30 -3.52 -3.95 2.53
C LYS A 30 -3.60 -4.74 3.82
N ASN A 31 -3.46 -4.03 4.92
CA ASN A 31 -3.46 -4.64 6.25
C ASN A 31 -2.25 -5.56 6.37
N GLY A 1 -1.51 -5.00 5.81
CA GLY A 1 -0.31 -5.80 5.97
C GLY A 1 -0.02 -6.71 4.80
N SER A 2 -1.04 -7.01 4.01
CA SER A 2 -0.90 -7.90 2.85
C SER A 2 -0.50 -7.10 1.61
N ILE A 3 0.68 -7.39 1.08
CA ILE A 3 1.19 -6.71 -0.10
C ILE A 3 0.41 -7.09 -1.38
N PRO A 4 0.30 -8.39 -1.71
CA PRO A 4 -0.41 -8.84 -2.93
C PRO A 4 -1.88 -8.44 -2.94
N ALA A 5 -2.47 -8.30 -1.76
CA ALA A 5 -3.88 -7.94 -1.65
C ALA A 5 -4.15 -6.53 -2.15
N CYS A 6 -3.22 -5.62 -1.89
CA CYS A 6 -3.40 -4.23 -2.32
C CYS A 6 -3.01 -4.03 -3.78
N GLY A 7 -1.76 -4.33 -4.10
CA GLY A 7 -1.28 -4.18 -5.46
C GLY A 7 -1.09 -2.72 -5.86
N GLU A 8 -0.79 -1.86 -4.89
CA GLU A 8 -0.57 -0.45 -5.18
C GLU A 8 0.70 0.03 -4.48
N SER A 9 1.47 0.86 -5.16
CA SER A 9 2.72 1.37 -4.61
C SER A 9 2.60 2.84 -4.19
N CYS A 10 3.15 3.16 -3.02
CA CYS A 10 3.11 4.51 -2.50
C CYS A 10 4.36 5.28 -2.97
N PHE A 11 4.99 6.03 -2.06
CA PHE A 11 6.19 6.83 -2.37
C PHE A 11 5.86 8.03 -3.26
N LYS A 12 5.25 7.77 -4.41
CA LYS A 12 4.87 8.80 -5.35
C LYS A 12 3.82 9.73 -4.75
N GLY A 13 3.02 9.17 -3.86
CA GLY A 13 1.99 9.94 -3.20
C GLY A 13 1.17 9.07 -2.28
N LYS A 14 -0.11 9.38 -2.15
CA LYS A 14 -1.01 8.63 -1.32
C LYS A 14 -1.55 7.44 -2.09
N CYS A 15 -1.93 6.39 -1.40
CA CYS A 15 -2.49 5.22 -2.05
C CYS A 15 -4.01 5.37 -2.16
N TYR A 16 -4.56 4.92 -3.26
CA TYR A 16 -5.98 5.03 -3.52
C TYR A 16 -6.76 3.94 -2.82
N THR A 17 -6.22 2.74 -2.86
CA THR A 17 -6.86 1.57 -2.27
C THR A 17 -7.07 1.72 -0.76
N PRO A 18 -8.34 1.90 -0.34
CA PRO A 18 -8.71 2.05 1.06
C PRO A 18 -8.29 0.83 1.86
N GLY A 19 -7.67 1.08 3.00
CA GLY A 19 -7.21 0.00 3.84
C GLY A 19 -5.73 -0.28 3.67
N CYS A 20 -5.13 0.26 2.61
CA CYS A 20 -3.72 0.03 2.39
C CYS A 20 -2.88 1.10 3.08
N SER A 21 -1.73 0.67 3.59
CA SER A 21 -0.82 1.56 4.27
C SER A 21 0.58 1.38 3.71
N CYS A 22 1.33 2.46 3.59
CA CYS A 22 2.69 2.42 3.06
C CYS A 22 3.65 1.83 4.09
N SER A 23 3.26 0.69 4.65
CA SER A 23 4.05 0.00 5.66
C SER A 23 5.01 -1.00 4.99
N LYS A 24 5.26 -0.77 3.71
CA LYS A 24 6.14 -1.62 2.92
C LYS A 24 6.74 -0.81 1.79
N TYR A 25 7.40 0.29 2.16
CA TYR A 25 8.05 1.19 1.21
C TYR A 25 8.81 0.42 0.13
N PRO A 26 8.59 0.79 -1.15
CA PRO A 26 7.72 1.88 -1.56
C PRO A 26 6.34 1.42 -2.05
N LEU A 27 5.70 0.49 -1.36
CA LEU A 27 4.39 0.01 -1.77
C LEU A 27 3.43 -0.08 -0.58
N CYS A 28 2.15 0.07 -0.87
CA CYS A 28 1.13 -0.01 0.17
C CYS A 28 0.63 -1.43 0.36
N ALA A 29 0.56 -1.83 1.62
CA ALA A 29 0.09 -3.15 1.97
C ALA A 29 -1.35 -3.06 2.44
N LYS A 30 -2.20 -3.94 1.94
CA LYS A 30 -3.60 -3.97 2.31
C LYS A 30 -3.74 -4.70 3.63
N ASN A 31 -3.77 -3.94 4.72
CA ASN A 31 -3.86 -4.48 6.06
C ASN A 31 -2.67 -5.41 6.32
N GLY A 1 -1.87 -4.87 5.85
CA GLY A 1 -0.69 -5.65 6.16
C GLY A 1 -0.22 -6.52 5.01
N SER A 2 -1.13 -6.89 4.11
CA SER A 2 -0.78 -7.75 2.98
C SER A 2 -0.53 -6.93 1.71
N ILE A 3 0.73 -6.87 1.30
CA ILE A 3 1.13 -6.13 0.10
C ILE A 3 0.47 -6.69 -1.17
N PRO A 4 0.62 -8.01 -1.45
CA PRO A 4 0.03 -8.64 -2.65
C PRO A 4 -1.48 -8.42 -2.74
N ALA A 5 -2.14 -8.35 -1.59
CA ALA A 5 -3.58 -8.14 -1.54
C ALA A 5 -3.94 -6.73 -2.01
N CYS A 6 -3.02 -5.80 -1.83
CA CYS A 6 -3.24 -4.41 -2.24
C CYS A 6 -2.96 -4.23 -3.72
N GLY A 7 -1.72 -4.53 -4.12
CA GLY A 7 -1.33 -4.37 -5.51
C GLY A 7 -0.80 -2.96 -5.78
N GLU A 8 -1.43 -1.97 -5.17
CA GLU A 8 -1.04 -0.58 -5.36
C GLU A 8 0.36 -0.30 -4.82
N SER A 9 1.12 0.48 -5.57
CA SER A 9 2.47 0.85 -5.18
C SER A 9 2.46 2.23 -4.52
N CYS A 10 3.18 2.34 -3.41
CA CYS A 10 3.26 3.61 -2.70
C CYS A 10 4.40 4.44 -3.26
N PHE A 11 4.09 5.22 -4.29
CA PHE A 11 5.09 6.05 -4.94
C PHE A 11 5.62 7.12 -3.99
N LYS A 12 4.71 7.79 -3.28
CA LYS A 12 5.09 8.84 -2.33
C LYS A 12 3.85 9.47 -1.71
N GLY A 13 3.98 9.90 -0.47
CA GLY A 13 2.88 10.55 0.22
C GLY A 13 1.96 9.60 0.97
N LYS A 14 1.10 8.90 0.23
CA LYS A 14 0.16 7.97 0.85
C LYS A 14 -0.51 7.09 -0.19
N CYS A 15 -1.11 6.00 0.27
CA CYS A 15 -1.82 5.07 -0.60
C CYS A 15 -3.23 5.59 -0.88
N TYR A 16 -3.78 5.22 -2.02
CA TYR A 16 -5.11 5.65 -2.39
C TYR A 16 -6.14 4.55 -2.15
N THR A 17 -5.80 3.32 -2.49
CA THR A 17 -6.70 2.19 -2.30
C THR A 17 -7.03 1.98 -0.82
N PRO A 18 -8.33 2.06 -0.48
CA PRO A 18 -8.80 1.89 0.90
C PRO A 18 -8.33 0.58 1.50
N GLY A 19 -7.84 0.64 2.72
CA GLY A 19 -7.36 -0.54 3.39
C GLY A 19 -5.86 -0.70 3.25
N CYS A 20 -5.26 -0.05 2.26
CA CYS A 20 -3.83 -0.15 2.06
C CYS A 20 -3.08 0.91 2.85
N SER A 21 -1.90 0.54 3.30
CA SER A 21 -1.05 1.43 4.06
C SER A 21 0.38 1.35 3.53
N CYS A 22 1.06 2.48 3.48
CA CYS A 22 2.44 2.54 2.98
C CYS A 22 3.40 2.01 4.05
N SER A 23 3.14 0.79 4.50
CA SER A 23 3.94 0.15 5.53
C SER A 23 5.13 -0.60 4.93
N LYS A 24 5.21 -0.62 3.60
CA LYS A 24 6.28 -1.31 2.91
C LYS A 24 6.74 -0.52 1.69
N TYR A 25 7.12 0.74 1.92
CA TYR A 25 7.58 1.63 0.85
C TYR A 25 8.60 0.93 -0.05
N PRO A 26 8.48 1.07 -1.38
CA PRO A 26 7.45 1.87 -2.03
C PRO A 26 6.21 1.06 -2.45
N LEU A 27 5.75 0.17 -1.58
CA LEU A 27 4.58 -0.65 -1.87
C LEU A 27 3.53 -0.49 -0.79
N CYS A 28 2.28 -0.53 -1.21
CA CYS A 28 1.17 -0.40 -0.28
C CYS A 28 0.69 -1.77 0.18
N ALA A 29 0.51 -1.92 1.47
CA ALA A 29 0.04 -3.17 2.03
C ALA A 29 -1.42 -3.07 2.41
N LYS A 30 -2.23 -3.95 1.86
CA LYS A 30 -3.65 -3.99 2.16
C LYS A 30 -3.80 -4.66 3.51
N ASN A 31 -4.10 -3.85 4.53
CA ASN A 31 -4.24 -4.31 5.90
C ASN A 31 -3.08 -5.23 6.29
N GLY A 1 -1.57 -4.99 5.79
CA GLY A 1 -0.47 -5.91 5.97
C GLY A 1 -0.28 -6.84 4.77
N SER A 2 -1.37 -7.11 4.07
CA SER A 2 -1.31 -8.00 2.90
C SER A 2 -0.87 -7.23 1.64
N ILE A 3 0.39 -7.40 1.28
CA ILE A 3 0.94 -6.73 0.10
C ILE A 3 0.28 -7.20 -1.21
N PRO A 4 0.28 -8.52 -1.50
CA PRO A 4 -0.33 -9.04 -2.74
C PRO A 4 -1.81 -8.72 -2.86
N ALA A 5 -2.49 -8.63 -1.72
CA ALA A 5 -3.90 -8.32 -1.70
C ALA A 5 -4.13 -6.83 -1.91
N CYS A 6 -3.07 -6.05 -1.74
CA CYS A 6 -3.14 -4.61 -1.90
C CYS A 6 -3.03 -4.19 -3.36
N GLY A 7 -1.86 -4.42 -3.96
CA GLY A 7 -1.64 -4.03 -5.34
C GLY A 7 -1.24 -2.56 -5.46
N GLU A 8 -1.75 -1.75 -4.53
CA GLU A 8 -1.49 -0.31 -4.50
C GLU A 8 -0.03 0.01 -4.25
N SER A 9 0.45 1.06 -4.90
CA SER A 9 1.82 1.51 -4.74
C SER A 9 1.85 2.74 -3.85
N CYS A 10 2.92 2.89 -3.08
CA CYS A 10 3.05 4.03 -2.19
C CYS A 10 3.67 5.19 -2.95
N PHE A 11 4.56 4.83 -3.89
CA PHE A 11 5.26 5.79 -4.74
C PHE A 11 6.12 6.75 -3.93
N LYS A 12 5.48 7.77 -3.36
CA LYS A 12 6.17 8.76 -2.55
C LYS A 12 5.16 9.77 -2.01
N GLY A 13 4.07 9.29 -1.44
CA GLY A 13 3.07 10.19 -0.91
C GLY A 13 2.02 9.52 -0.06
N LYS A 14 1.16 8.73 -0.69
CA LYS A 14 0.09 8.04 0.03
C LYS A 14 -0.58 7.00 -0.85
N CYS A 15 -1.16 5.99 -0.21
CA CYS A 15 -1.86 4.92 -0.91
C CYS A 15 -3.24 5.39 -1.34
N TYR A 16 -3.64 5.05 -2.55
CA TYR A 16 -4.95 5.45 -3.06
C TYR A 16 -5.99 4.40 -2.73
N THR A 17 -5.65 3.14 -2.95
CA THR A 17 -6.55 2.02 -2.68
C THR A 17 -6.89 1.91 -1.18
N PRO A 18 -8.18 2.08 -0.85
CA PRO A 18 -8.66 1.99 0.54
C PRO A 18 -8.27 0.67 1.19
N GLY A 19 -7.80 0.77 2.42
CA GLY A 19 -7.39 -0.42 3.13
C GLY A 19 -5.90 -0.62 3.09
N CYS A 20 -5.24 -0.02 2.09
CA CYS A 20 -3.80 -0.15 1.98
C CYS A 20 -3.07 0.94 2.76
N SER A 21 -1.91 0.57 3.26
CA SER A 21 -1.06 1.49 4.02
C SER A 21 0.38 1.32 3.55
N CYS A 22 1.15 2.40 3.60
CA CYS A 22 2.55 2.37 3.16
C CYS A 22 3.40 1.64 4.21
N SER A 23 3.13 0.35 4.39
CA SER A 23 3.82 -0.48 5.35
C SER A 23 5.31 -0.61 5.02
N LYS A 24 5.65 -0.58 3.74
CA LYS A 24 7.03 -0.68 3.33
C LYS A 24 7.25 -0.01 1.98
N TYR A 25 7.96 1.10 2.02
CA TYR A 25 8.28 1.88 0.83
C TYR A 25 8.97 1.01 -0.23
N PRO A 26 8.61 1.20 -1.52
CA PRO A 26 7.65 2.18 -1.98
C PRO A 26 6.30 1.56 -2.39
N LEU A 27 5.86 0.53 -1.67
CA LEU A 27 4.60 -0.13 -1.98
C LEU A 27 3.67 -0.16 -0.77
N CYS A 28 2.38 -0.29 -1.03
CA CYS A 28 1.40 -0.32 0.03
C CYS A 28 0.93 -1.74 0.32
N ALA A 29 0.52 -1.98 1.56
CA ALA A 29 0.02 -3.27 1.98
C ALA A 29 -1.44 -3.14 2.41
N LYS A 30 -2.28 -4.05 1.96
CA LYS A 30 -3.69 -4.06 2.30
C LYS A 30 -3.85 -4.63 3.69
N ASN A 31 -3.74 -3.76 4.69
CA ASN A 31 -3.82 -4.15 6.09
C ASN A 31 -2.75 -5.20 6.37
N GLY A 1 -0.93 -5.21 5.94
CA GLY A 1 0.18 -6.15 5.88
C GLY A 1 0.17 -6.95 4.59
N SER A 2 -1.01 -7.16 4.03
CA SER A 2 -1.16 -7.94 2.80
C SER A 2 -0.88 -7.08 1.56
N ILE A 3 0.36 -7.11 1.08
CA ILE A 3 0.75 -6.33 -0.09
C ILE A 3 0.01 -6.80 -1.37
N PRO A 4 0.03 -8.13 -1.69
CA PRO A 4 -0.62 -8.66 -2.89
C PRO A 4 -2.09 -8.27 -3.04
N ALA A 5 -2.75 -8.00 -1.94
CA ALA A 5 -4.16 -7.62 -1.96
C ALA A 5 -4.36 -6.29 -2.70
N CYS A 6 -3.58 -5.28 -2.32
CA CYS A 6 -3.69 -3.97 -2.96
C CYS A 6 -2.92 -3.93 -4.28
N GLY A 7 -1.67 -4.41 -4.24
CA GLY A 7 -0.83 -4.41 -5.42
C GLY A 7 -0.58 -3.00 -5.92
N GLU A 8 -0.58 -2.05 -5.00
CA GLU A 8 -0.37 -0.65 -5.33
C GLU A 8 1.03 -0.19 -4.98
N SER A 9 1.62 0.61 -5.85
CA SER A 9 2.95 1.13 -5.62
C SER A 9 2.85 2.45 -4.85
N CYS A 10 3.54 2.53 -3.73
CA CYS A 10 3.52 3.72 -2.91
C CYS A 10 4.61 4.69 -3.34
N PHE A 11 4.23 5.93 -3.59
CA PHE A 11 5.16 6.96 -4.02
C PHE A 11 4.76 8.32 -3.48
N LYS A 12 4.25 8.32 -2.25
CA LYS A 12 3.82 9.55 -1.59
C LYS A 12 3.33 9.26 -0.17
N GLY A 13 3.58 8.05 0.31
CA GLY A 13 3.15 7.66 1.64
C GLY A 13 1.67 7.37 1.70
N LYS A 14 0.90 8.02 0.84
CA LYS A 14 -0.54 7.85 0.76
C LYS A 14 -0.89 6.78 -0.24
N CYS A 15 -1.82 5.92 0.13
CA CYS A 15 -2.27 4.85 -0.75
C CYS A 15 -3.67 5.14 -1.25
N TYR A 16 -3.92 4.82 -2.50
CA TYR A 16 -5.22 5.06 -3.12
C TYR A 16 -6.19 3.97 -2.70
N THR A 17 -5.70 2.74 -2.64
CA THR A 17 -6.51 1.60 -2.25
C THR A 17 -6.98 1.73 -0.80
N PRO A 18 -8.31 1.79 -0.59
CA PRO A 18 -8.90 1.93 0.74
C PRO A 18 -8.49 0.83 1.71
N GLY A 19 -7.99 1.25 2.85
CA GLY A 19 -7.57 0.32 3.88
C GLY A 19 -6.12 -0.10 3.74
N CYS A 20 -5.50 0.23 2.62
CA CYS A 20 -4.11 -0.13 2.40
C CYS A 20 -3.21 0.99 2.93
N SER A 21 -2.05 0.61 3.45
CA SER A 21 -1.13 1.58 4.01
C SER A 21 0.28 1.37 3.47
N CYS A 22 1.02 2.46 3.35
CA CYS A 22 2.39 2.44 2.86
C CYS A 22 3.33 1.97 3.98
N SER A 23 2.99 0.84 4.58
CA SER A 23 3.77 0.28 5.67
C SER A 23 5.10 -0.26 5.18
N LYS A 24 5.18 -0.55 3.89
CA LYS A 24 6.40 -1.08 3.31
C LYS A 24 6.77 -0.33 2.04
N TYR A 25 7.26 0.89 2.20
CA TYR A 25 7.66 1.72 1.06
C TYR A 25 8.66 0.97 0.19
N PRO A 26 8.53 1.05 -1.15
CA PRO A 26 7.52 1.84 -1.85
C PRO A 26 6.31 1.03 -2.32
N LEU A 27 5.72 0.23 -1.44
CA LEU A 27 4.55 -0.55 -1.82
C LEU A 27 3.49 -0.53 -0.70
N CYS A 28 2.24 -0.46 -1.10
CA CYS A 28 1.13 -0.40 -0.16
C CYS A 28 0.64 -1.80 0.20
N ALA A 29 0.37 -2.00 1.50
CA ALA A 29 -0.08 -3.29 1.98
C ALA A 29 -1.44 -3.18 2.68
N LYS A 30 -2.32 -4.12 2.38
CA LYS A 30 -3.65 -4.17 2.98
C LYS A 30 -3.53 -4.76 4.37
N ASN A 31 -3.22 -3.91 5.34
CA ASN A 31 -3.03 -4.32 6.72
C ASN A 31 -1.93 -5.39 6.78
N GLY A 1 -0.84 -5.25 5.99
CA GLY A 1 0.24 -6.21 5.91
C GLY A 1 0.34 -6.89 4.56
N SER A 2 -0.80 -7.18 3.96
CA SER A 2 -0.86 -7.86 2.67
C SER A 2 -0.60 -6.88 1.51
N ILE A 3 0.56 -7.03 0.87
CA ILE A 3 0.94 -6.17 -0.26
C ILE A 3 0.18 -6.55 -1.55
N PRO A 4 0.21 -7.83 -1.98
CA PRO A 4 -0.46 -8.29 -3.22
C PRO A 4 -1.95 -7.93 -3.28
N ALA A 5 -2.58 -7.86 -2.11
CA ALA A 5 -4.01 -7.54 -2.04
C ALA A 5 -4.31 -6.15 -2.59
N CYS A 6 -3.41 -5.21 -2.33
CA CYS A 6 -3.60 -3.85 -2.80
C CYS A 6 -3.18 -3.69 -4.25
N GLY A 7 -2.01 -4.21 -4.58
CA GLY A 7 -1.50 -4.12 -5.93
C GLY A 7 -1.20 -2.68 -6.33
N GLU A 8 -0.65 -1.92 -5.39
CA GLU A 8 -0.32 -0.52 -5.65
C GLU A 8 0.97 -0.14 -4.92
N SER A 9 1.83 0.58 -5.62
CA SER A 9 3.09 1.01 -5.05
C SER A 9 2.99 2.44 -4.53
N CYS A 10 3.30 2.62 -3.25
CA CYS A 10 3.25 3.94 -2.64
C CYS A 10 4.60 4.64 -2.78
N PHE A 11 5.11 4.67 -4.02
CA PHE A 11 6.40 5.29 -4.31
C PHE A 11 6.46 6.74 -3.81
N LYS A 12 5.34 7.44 -3.86
CA LYS A 12 5.28 8.82 -3.40
C LYS A 12 4.45 8.92 -2.12
N GLY A 13 4.48 7.87 -1.31
CA GLY A 13 3.73 7.86 -0.06
C GLY A 13 2.25 8.07 -0.28
N LYS A 14 1.70 7.36 -1.26
CA LYS A 14 0.29 7.47 -1.58
C LYS A 14 -0.31 6.10 -1.88
N CYS A 15 -1.50 5.87 -1.35
CA CYS A 15 -2.23 4.64 -1.57
C CYS A 15 -3.66 4.99 -1.94
N TYR A 16 -4.17 4.41 -3.02
CA TYR A 16 -5.52 4.68 -3.48
C TYR A 16 -6.50 3.71 -2.85
N THR A 17 -6.10 2.45 -2.81
CA THR A 17 -6.94 1.40 -2.25
C THR A 17 -7.14 1.58 -0.74
N PRO A 18 -8.40 1.86 -0.37
CA PRO A 18 -8.79 2.07 1.03
C PRO A 18 -8.43 0.90 1.92
N GLY A 19 -7.81 1.19 3.04
CA GLY A 19 -7.41 0.15 3.95
C GLY A 19 -5.93 -0.18 3.83
N CYS A 20 -5.34 0.13 2.68
CA CYS A 20 -3.93 -0.14 2.49
C CYS A 20 -3.09 1.05 2.94
N SER A 21 -1.93 0.77 3.49
CA SER A 21 -1.04 1.81 3.97
C SER A 21 0.39 1.55 3.51
N CYS A 22 1.16 2.63 3.36
CA CYS A 22 2.54 2.54 2.93
C CYS A 22 3.43 2.01 4.06
N SER A 23 3.04 0.89 4.64
CA SER A 23 3.76 0.27 5.73
C SER A 23 5.03 -0.41 5.24
N LYS A 24 5.01 -0.81 3.98
CA LYS A 24 6.14 -1.48 3.38
C LYS A 24 6.61 -0.74 2.14
N TYR A 25 7.10 0.49 2.35
CA TYR A 25 7.58 1.36 1.29
C TYR A 25 8.53 0.61 0.35
N PRO A 26 8.39 0.79 -0.97
CA PRO A 26 7.39 1.66 -1.58
C PRO A 26 6.12 0.92 -2.03
N LEU A 27 5.58 0.07 -1.18
CA LEU A 27 4.37 -0.68 -1.52
C LEU A 27 3.29 -0.51 -0.46
N CYS A 28 2.06 -0.46 -0.91
CA CYS A 28 0.91 -0.32 -0.02
C CYS A 28 0.47 -1.68 0.48
N ALA A 29 0.45 -1.83 1.80
CA ALA A 29 0.06 -3.08 2.42
C ALA A 29 -1.34 -3.01 2.99
N LYS A 30 -2.15 -3.98 2.62
CA LYS A 30 -3.52 -4.10 3.11
C LYS A 30 -3.49 -4.70 4.49
N ASN A 31 -3.06 -3.89 5.45
CA ASN A 31 -2.90 -4.32 6.83
C ASN A 31 -1.83 -5.40 6.88
N GLY A 1 -0.82 -5.28 6.00
CA GLY A 1 0.15 -6.35 5.93
C GLY A 1 0.06 -7.12 4.62
N SER A 2 -1.12 -7.11 4.02
CA SER A 2 -1.35 -7.82 2.76
C SER A 2 -0.82 -7.02 1.57
N ILE A 3 0.40 -7.33 1.14
CA ILE A 3 1.03 -6.64 0.01
C ILE A 3 0.31 -6.93 -1.32
N PRO A 4 0.14 -8.22 -1.70
CA PRO A 4 -0.51 -8.60 -2.97
C PRO A 4 -1.96 -8.15 -3.08
N ALA A 5 -2.60 -7.87 -1.95
CA ALA A 5 -3.99 -7.45 -1.94
C ALA A 5 -4.18 -6.10 -2.63
N CYS A 6 -3.35 -5.13 -2.28
CA CYS A 6 -3.46 -3.80 -2.87
C CYS A 6 -2.78 -3.73 -4.23
N GLY A 7 -1.53 -4.17 -4.30
CA GLY A 7 -0.79 -4.13 -5.55
C GLY A 7 -0.57 -2.70 -6.00
N GLU A 8 -0.43 -1.80 -5.03
CA GLU A 8 -0.23 -0.39 -5.30
C GLU A 8 1.09 0.09 -4.70
N SER A 9 1.84 0.87 -5.47
CA SER A 9 3.12 1.38 -5.04
C SER A 9 2.99 2.78 -4.44
N CYS A 10 3.65 3.01 -3.31
CA CYS A 10 3.62 4.30 -2.65
C CYS A 10 5.01 4.92 -2.61
N PHE A 11 5.09 6.23 -2.68
CA PHE A 11 6.37 6.93 -2.64
C PHE A 11 6.21 8.33 -2.06
N LYS A 12 5.30 9.11 -2.65
CA LYS A 12 5.04 10.46 -2.20
C LYS A 12 3.58 10.83 -2.44
N GLY A 13 2.69 10.18 -1.70
CA GLY A 13 1.28 10.44 -1.84
C GLY A 13 0.46 9.71 -0.82
N LYS A 14 -0.70 9.22 -1.24
CA LYS A 14 -1.61 8.51 -0.37
C LYS A 14 -2.18 7.32 -1.14
N CYS A 15 -2.17 6.15 -0.52
CA CYS A 15 -2.67 4.93 -1.15
C CYS A 15 -4.13 5.07 -1.57
N TYR A 16 -4.40 4.81 -2.84
CA TYR A 16 -5.75 4.89 -3.37
C TYR A 16 -6.58 3.72 -2.88
N THR A 17 -5.92 2.57 -2.76
CA THR A 17 -6.58 1.36 -2.32
C THR A 17 -7.05 1.51 -0.86
N PRO A 18 -8.37 1.49 -0.64
CA PRO A 18 -8.97 1.64 0.68
C PRO A 18 -8.47 0.59 1.68
N GLY A 19 -8.02 1.08 2.82
CA GLY A 19 -7.53 0.20 3.87
C GLY A 19 -6.05 -0.10 3.74
N CYS A 20 -5.43 0.27 2.63
CA CYS A 20 -4.01 0.00 2.45
C CYS A 20 -3.16 1.14 2.98
N SER A 21 -2.00 0.79 3.52
CA SER A 21 -1.09 1.77 4.08
C SER A 21 0.32 1.54 3.56
N CYS A 22 1.07 2.63 3.41
CA CYS A 22 2.44 2.57 2.91
C CYS A 22 3.39 2.02 3.99
N SER A 23 3.03 0.88 4.56
CA SER A 23 3.82 0.26 5.62
C SER A 23 4.81 -0.74 5.04
N LYS A 24 5.02 -0.68 3.73
CA LYS A 24 5.94 -1.58 3.04
C LYS A 24 6.54 -0.89 1.82
N TYR A 25 7.28 0.19 2.07
CA TYR A 25 7.92 0.96 0.99
C TYR A 25 8.67 0.04 0.04
N PRO A 26 8.54 0.29 -1.27
CA PRO A 26 7.75 1.38 -1.82
C PRO A 26 6.36 0.95 -2.31
N LEU A 27 5.59 0.28 -1.46
CA LEU A 27 4.26 -0.16 -1.85
C LEU A 27 3.29 -0.15 -0.67
N CYS A 28 2.02 -0.06 -0.98
CA CYS A 28 0.97 -0.04 0.03
C CYS A 28 0.50 -1.45 0.34
N ALA A 29 0.44 -1.78 1.63
CA ALA A 29 0.02 -3.09 2.07
C ALA A 29 -1.32 -3.00 2.80
N LYS A 30 -2.21 -3.94 2.51
CA LYS A 30 -3.52 -3.99 3.13
C LYS A 30 -3.41 -4.58 4.52
N ASN A 31 -2.97 -3.74 5.45
CA ASN A 31 -2.76 -4.13 6.83
C ASN A 31 -1.81 -5.32 6.89
N GLY A 1 -1.46 -5.05 5.82
CA GLY A 1 -0.32 -5.94 5.99
C GLY A 1 -0.05 -6.82 4.79
N SER A 2 -1.08 -7.18 4.04
CA SER A 2 -0.92 -8.03 2.87
C SER A 2 -0.63 -7.22 1.61
N ILE A 3 0.57 -7.38 1.07
CA ILE A 3 0.97 -6.65 -0.13
C ILE A 3 0.25 -7.17 -1.38
N PRO A 4 0.27 -8.50 -1.66
CA PRO A 4 -0.40 -9.06 -2.84
C PRO A 4 -1.90 -8.75 -2.88
N ALA A 5 -2.51 -8.70 -1.70
CA ALA A 5 -3.93 -8.40 -1.61
C ALA A 5 -4.19 -6.91 -1.73
N CYS A 6 -3.13 -6.13 -1.66
CA CYS A 6 -3.23 -4.69 -1.75
C CYS A 6 -3.33 -4.21 -3.19
N GLY A 7 -2.28 -4.48 -3.97
CA GLY A 7 -2.26 -4.04 -5.36
C GLY A 7 -2.16 -2.54 -5.45
N GLU A 8 -1.33 -1.95 -4.59
CA GLU A 8 -1.16 -0.50 -4.54
C GLU A 8 0.29 -0.15 -4.19
N SER A 9 0.77 0.96 -4.72
CA SER A 9 2.12 1.41 -4.43
C SER A 9 2.10 2.85 -3.91
N CYS A 10 2.75 3.09 -2.80
CA CYS A 10 2.78 4.42 -2.22
C CYS A 10 3.91 5.25 -2.79
N PHE A 11 3.93 5.37 -4.11
CA PHE A 11 4.94 6.15 -4.81
C PHE A 11 4.63 7.65 -4.70
N LYS A 12 4.11 8.03 -3.54
CA LYS A 12 3.75 9.41 -3.26
C LYS A 12 3.30 9.53 -1.81
N GLY A 13 3.89 8.69 -0.96
CA GLY A 13 3.57 8.69 0.46
C GLY A 13 2.21 8.07 0.78
N LYS A 14 1.16 8.68 0.25
CA LYS A 14 -0.20 8.20 0.49
C LYS A 14 -0.60 7.10 -0.49
N CYS A 15 -1.44 6.18 -0.02
CA CYS A 15 -1.93 5.09 -0.84
C CYS A 15 -3.27 5.47 -1.46
N TYR A 16 -3.49 5.08 -2.70
CA TYR A 16 -4.74 5.39 -3.39
C TYR A 16 -5.80 4.36 -3.01
N THR A 17 -5.42 3.09 -3.07
CA THR A 17 -6.32 2.00 -2.75
C THR A 17 -6.68 1.96 -1.26
N PRO A 18 -7.97 2.17 -0.94
CA PRO A 18 -8.46 2.16 0.43
C PRO A 18 -8.16 0.84 1.12
N GLY A 19 -7.68 0.94 2.36
CA GLY A 19 -7.34 -0.25 3.10
C GLY A 19 -5.86 -0.50 3.10
N CYS A 20 -5.15 0.04 2.12
CA CYS A 20 -3.72 -0.15 2.04
C CYS A 20 -2.97 0.93 2.81
N SER A 21 -1.84 0.53 3.36
CA SER A 21 -0.99 1.43 4.12
C SER A 21 0.45 1.28 3.61
N CYS A 22 1.19 2.39 3.56
CA CYS A 22 2.57 2.36 3.08
C CYS A 22 3.51 1.77 4.14
N SER A 23 3.21 0.53 4.54
CA SER A 23 4.02 -0.16 5.54
C SER A 23 5.17 -0.91 4.88
N LYS A 24 5.39 -0.61 3.60
CA LYS A 24 6.44 -1.25 2.81
C LYS A 24 6.88 -0.32 1.67
N TYR A 25 7.22 0.92 2.02
CA TYR A 25 7.65 1.92 1.03
C TYR A 25 8.62 1.33 0.01
N PRO A 26 8.43 1.59 -1.29
CA PRO A 26 7.36 2.45 -1.80
C PRO A 26 6.12 1.69 -2.27
N LEU A 27 5.75 0.62 -1.59
CA LEU A 27 4.56 -0.14 -1.95
C LEU A 27 3.63 -0.28 -0.75
N CYS A 28 2.33 -0.18 -1.01
CA CYS A 28 1.34 -0.26 0.06
C CYS A 28 0.92 -1.70 0.33
N ALA A 29 0.52 -1.94 1.57
CA ALA A 29 0.07 -3.25 2.01
C ALA A 29 -1.38 -3.15 2.46
N LYS A 30 -2.21 -4.08 2.01
CA LYS A 30 -3.63 -4.11 2.38
C LYS A 30 -3.75 -4.72 3.76
N ASN A 31 -3.66 -3.86 4.76
CA ASN A 31 -3.72 -4.28 6.16
C ASN A 31 -2.61 -5.30 6.43
N GLY A 1 -1.98 -4.90 5.87
CA GLY A 1 -0.79 -5.69 6.12
C GLY A 1 -0.40 -6.57 4.94
N SER A 2 -1.37 -6.95 4.13
CA SER A 2 -1.12 -7.80 2.98
C SER A 2 -0.72 -6.97 1.75
N ILE A 3 0.58 -6.84 1.53
CA ILE A 3 1.11 -6.07 0.40
C ILE A 3 0.63 -6.64 -0.95
N PRO A 4 0.86 -7.95 -1.23
CA PRO A 4 0.45 -8.57 -2.50
C PRO A 4 -1.05 -8.46 -2.78
N ALA A 5 -1.84 -8.39 -1.72
CA ALA A 5 -3.29 -8.28 -1.85
C ALA A 5 -3.69 -6.94 -2.44
N CYS A 6 -3.00 -5.88 -2.04
CA CYS A 6 -3.31 -4.55 -2.54
C CYS A 6 -2.69 -4.32 -3.91
N GLY A 7 -1.39 -4.59 -4.02
CA GLY A 7 -0.70 -4.39 -5.28
C GLY A 7 -0.30 -2.94 -5.52
N GLU A 8 -1.15 -2.02 -5.05
CA GLU A 8 -0.91 -0.58 -5.21
C GLU A 8 0.45 -0.18 -4.64
N SER A 9 1.16 0.64 -5.38
CA SER A 9 2.47 1.11 -4.95
C SER A 9 2.37 2.49 -4.33
N CYS A 10 2.93 2.66 -3.14
CA CYS A 10 2.89 3.95 -2.47
C CYS A 10 4.08 4.81 -2.86
N PHE A 11 3.81 6.05 -3.18
CA PHE A 11 4.86 6.98 -3.57
C PHE A 11 5.18 7.92 -2.40
N LYS A 12 5.37 9.19 -2.71
CA LYS A 12 5.67 10.18 -1.69
C LYS A 12 4.38 10.70 -1.06
N GLY A 13 3.57 9.78 -0.55
CA GLY A 13 2.32 10.18 0.07
C GLY A 13 1.53 8.99 0.58
N LYS A 14 0.23 9.19 0.73
CA LYS A 14 -0.67 8.16 1.22
C LYS A 14 -1.19 7.29 0.08
N CYS A 15 -1.62 6.08 0.41
CA CYS A 15 -2.17 5.15 -0.56
C CYS A 15 -3.53 5.62 -1.03
N TYR A 16 -3.92 5.21 -2.23
CA TYR A 16 -5.20 5.62 -2.78
C TYR A 16 -6.27 4.59 -2.43
N THR A 17 -5.92 3.33 -2.56
CA THR A 17 -6.84 2.24 -2.26
C THR A 17 -7.11 2.14 -0.76
N PRO A 18 -8.36 2.38 -0.35
CA PRO A 18 -8.76 2.30 1.06
C PRO A 18 -8.41 0.97 1.69
N GLY A 19 -7.80 1.01 2.85
CA GLY A 19 -7.40 -0.20 3.53
C GLY A 19 -5.92 -0.48 3.37
N CYS A 20 -5.32 0.08 2.33
CA CYS A 20 -3.91 -0.13 2.08
C CYS A 20 -3.08 0.95 2.76
N SER A 21 -1.93 0.56 3.27
CA SER A 21 -1.03 1.48 3.94
C SER A 21 0.40 1.23 3.47
N CYS A 22 1.18 2.29 3.36
CA CYS A 22 2.57 2.17 2.91
C CYS A 22 3.45 1.56 4.00
N SER A 23 3.17 0.29 4.31
CA SER A 23 3.91 -0.44 5.33
C SER A 23 5.37 -0.62 4.95
N LYS A 24 5.63 -0.62 3.65
CA LYS A 24 6.98 -0.76 3.14
C LYS A 24 7.10 -0.12 1.76
N TYR A 25 7.82 0.99 1.71
CA TYR A 25 8.01 1.73 0.47
C TYR A 25 8.72 0.85 -0.56
N PRO A 26 8.26 0.88 -1.82
CA PRO A 26 7.14 1.69 -2.30
C PRO A 26 5.87 0.88 -2.55
N LEU A 27 5.46 0.05 -1.60
CA LEU A 27 4.26 -0.76 -1.78
C LEU A 27 3.26 -0.61 -0.65
N CYS A 28 2.00 -0.51 -1.04
CA CYS A 28 0.90 -0.38 -0.10
C CYS A 28 0.40 -1.76 0.32
N ALA A 29 0.32 -1.97 1.61
CA ALA A 29 -0.15 -3.23 2.15
C ALA A 29 -1.63 -3.14 2.48
N LYS A 30 -2.42 -4.05 1.93
CA LYS A 30 -3.85 -4.10 2.18
C LYS A 30 -4.08 -4.74 3.54
N ASN A 31 -4.16 -3.91 4.56
CA ASN A 31 -4.34 -4.37 5.94
C ASN A 31 -3.17 -5.30 6.29
N GLY A 1 -1.29 -4.98 5.79
CA GLY A 1 -0.07 -5.74 5.91
C GLY A 1 0.25 -6.55 4.66
N SER A 2 -0.78 -6.99 3.95
CA SER A 2 -0.59 -7.79 2.74
C SER A 2 -0.49 -6.90 1.50
N ILE A 3 0.73 -6.80 0.95
CA ILE A 3 0.96 -6.00 -0.24
C ILE A 3 0.25 -6.59 -1.47
N PRO A 4 0.45 -7.91 -1.77
CA PRO A 4 -0.19 -8.56 -2.93
C PRO A 4 -1.70 -8.39 -2.95
N ALA A 5 -2.31 -8.34 -1.77
CA ALA A 5 -3.75 -8.18 -1.65
C ALA A 5 -4.18 -6.83 -2.19
N CYS A 6 -3.38 -5.80 -1.93
CA CYS A 6 -3.69 -4.45 -2.40
C CYS A 6 -3.26 -4.29 -3.86
N GLY A 7 -2.03 -4.69 -4.15
CA GLY A 7 -1.50 -4.58 -5.50
C GLY A 7 -1.35 -3.13 -5.93
N GLU A 8 -0.87 -2.29 -5.01
CA GLU A 8 -0.69 -0.88 -5.29
C GLU A 8 0.59 -0.35 -4.65
N SER A 9 1.25 0.56 -5.37
CA SER A 9 2.48 1.16 -4.87
C SER A 9 2.17 2.57 -4.35
N CYS A 10 2.74 2.92 -3.21
CA CYS A 10 2.50 4.23 -2.63
C CYS A 10 3.49 5.26 -3.17
N PHE A 11 4.52 4.76 -3.85
CA PHE A 11 5.57 5.59 -4.47
C PHE A 11 6.40 6.36 -3.45
N LYS A 12 5.77 7.32 -2.77
CA LYS A 12 6.45 8.14 -1.78
C LYS A 12 5.44 8.97 -0.98
N GLY A 13 4.22 8.47 -0.88
CA GLY A 13 3.20 9.19 -0.13
C GLY A 13 1.99 8.35 0.21
N LYS A 14 0.83 8.98 0.19
CA LYS A 14 -0.43 8.32 0.51
C LYS A 14 -0.86 7.37 -0.60
N CYS A 15 -1.55 6.31 -0.21
CA CYS A 15 -2.05 5.32 -1.16
C CYS A 15 -3.41 5.75 -1.70
N TYR A 16 -4.01 4.90 -2.53
CA TYR A 16 -5.30 5.20 -3.11
C TYR A 16 -6.35 4.19 -2.66
N THR A 17 -6.01 2.91 -2.72
CA THR A 17 -6.92 1.86 -2.33
C THR A 17 -7.20 1.89 -0.81
N PRO A 18 -8.48 2.13 -0.43
CA PRO A 18 -8.89 2.20 0.97
C PRO A 18 -8.50 0.95 1.74
N GLY A 19 -7.93 1.15 2.92
CA GLY A 19 -7.51 0.04 3.74
C GLY A 19 -6.04 -0.27 3.60
N CYS A 20 -5.43 0.22 2.52
CA CYS A 20 -4.01 -0.04 2.30
C CYS A 20 -3.16 1.04 2.96
N SER A 21 -1.98 0.63 3.42
CA SER A 21 -1.06 1.56 4.07
C SER A 21 0.37 1.33 3.55
N CYS A 22 1.10 2.42 3.35
CA CYS A 22 2.47 2.36 2.84
C CYS A 22 3.44 1.90 3.95
N SER A 23 3.13 0.76 4.54
CA SER A 23 3.93 0.21 5.62
C SER A 23 5.24 -0.37 5.11
N LYS A 24 5.20 -0.93 3.91
CA LYS A 24 6.38 -1.52 3.30
C LYS A 24 6.82 -0.74 2.08
N TYR A 25 7.31 0.47 2.33
CA TYR A 25 7.77 1.38 1.28
C TYR A 25 8.69 0.66 0.28
N PRO A 26 8.53 0.93 -1.03
CA PRO A 26 7.55 1.88 -1.55
C PRO A 26 6.26 1.21 -2.02
N LEU A 27 5.91 0.10 -1.40
CA LEU A 27 4.70 -0.62 -1.76
C LEU A 27 3.64 -0.48 -0.68
N CYS A 28 2.42 -0.31 -1.12
CA CYS A 28 1.32 -0.19 -0.19
C CYS A 28 0.77 -1.55 0.14
N ALA A 29 0.54 -1.79 1.41
CA ALA A 29 0.04 -3.07 1.88
C ALA A 29 -1.39 -2.98 2.38
N LYS A 30 -2.21 -3.93 1.97
CA LYS A 30 -3.59 -3.99 2.40
C LYS A 30 -3.65 -4.72 3.73
N ASN A 31 -3.63 -3.94 4.81
CA ASN A 31 -3.63 -4.49 6.16
C ASN A 31 -2.42 -5.39 6.36
N GLY A 1 -1.61 -5.29 5.97
CA GLY A 1 -0.44 -6.13 6.10
C GLY A 1 -0.07 -6.86 4.83
N SER A 2 -1.08 -7.25 4.04
CA SER A 2 -0.83 -7.98 2.81
C SER A 2 -0.62 -7.02 1.64
N ILE A 3 0.62 -6.93 1.17
CA ILE A 3 0.95 -6.06 0.04
C ILE A 3 0.31 -6.55 -1.26
N PRO A 4 0.50 -7.85 -1.64
CA PRO A 4 -0.08 -8.40 -2.88
C PRO A 4 -1.59 -8.23 -2.96
N ALA A 5 -2.25 -8.28 -1.80
CA ALA A 5 -3.70 -8.12 -1.74
C ALA A 5 -4.12 -6.72 -2.15
N CYS A 6 -3.28 -5.74 -1.85
CA CYS A 6 -3.58 -4.35 -2.19
C CYS A 6 -3.24 -4.07 -3.65
N GLY A 7 -2.04 -4.49 -4.06
CA GLY A 7 -1.60 -4.27 -5.43
C GLY A 7 -1.46 -2.79 -5.74
N GLU A 8 -0.91 -2.03 -4.80
CA GLU A 8 -0.73 -0.60 -4.98
C GLU A 8 0.60 -0.16 -4.40
N SER A 9 1.14 0.93 -4.92
CA SER A 9 2.43 1.45 -4.45
C SER A 9 2.28 2.86 -3.91
N CYS A 10 2.81 3.09 -2.73
CA CYS A 10 2.73 4.41 -2.11
C CYS A 10 3.89 5.30 -2.51
N PHE A 11 4.28 5.22 -3.78
CA PHE A 11 5.36 6.06 -4.28
C PHE A 11 4.90 7.51 -4.42
N LYS A 12 3.60 7.67 -4.71
CA LYS A 12 3.02 9.00 -4.84
C LYS A 12 2.39 9.44 -3.53
N GLY A 13 3.07 9.13 -2.44
CA GLY A 13 2.56 9.50 -1.13
C GLY A 13 1.49 8.55 -0.63
N LYS A 14 0.26 9.05 -0.51
CA LYS A 14 -0.86 8.26 -0.02
C LYS A 14 -1.23 7.13 -0.97
N CYS A 15 -1.81 6.08 -0.41
CA CYS A 15 -2.25 4.92 -1.17
C CYS A 15 -3.59 5.21 -1.81
N TYR A 16 -3.80 4.65 -2.99
CA TYR A 16 -5.06 4.83 -3.70
C TYR A 16 -6.10 3.83 -3.23
N THR A 17 -5.67 2.60 -3.01
CA THR A 17 -6.57 1.56 -2.55
C THR A 17 -6.94 1.75 -1.09
N PRO A 18 -8.23 2.04 -0.81
CA PRO A 18 -8.72 2.27 0.54
C PRO A 18 -8.42 1.09 1.46
N GLY A 19 -7.91 1.41 2.63
CA GLY A 19 -7.59 0.39 3.60
C GLY A 19 -6.12 -0.01 3.56
N CYS A 20 -5.40 0.43 2.53
CA CYS A 20 -3.98 0.08 2.44
C CYS A 20 -3.11 1.10 3.14
N SER A 21 -2.03 0.61 3.74
CA SER A 21 -1.09 1.46 4.44
C SER A 21 0.30 1.29 3.84
N CYS A 22 1.07 2.36 3.78
CA CYS A 22 2.41 2.33 3.22
C CYS A 22 3.38 1.64 4.18
N SER A 23 3.21 0.33 4.33
CA SER A 23 4.06 -0.45 5.23
C SER A 23 5.20 -1.10 4.46
N LYS A 24 5.53 -0.48 3.33
CA LYS A 24 6.61 -0.95 2.47
C LYS A 24 7.14 0.22 1.68
N TYR A 25 8.38 0.11 1.30
CA TYR A 25 9.11 1.17 0.60
C TYR A 25 9.28 0.94 -0.91
N PRO A 26 8.40 1.46 -1.76
CA PRO A 26 7.21 2.23 -1.43
C PRO A 26 5.94 1.45 -1.76
N LEU A 27 5.70 0.37 -1.05
CA LEU A 27 4.54 -0.46 -1.34
C LEU A 27 3.43 -0.36 -0.29
N CYS A 28 2.20 -0.28 -0.78
CA CYS A 28 1.03 -0.21 0.08
C CYS A 28 0.56 -1.62 0.43
N ALA A 29 0.40 -1.86 1.72
CA ALA A 29 -0.07 -3.16 2.20
C ALA A 29 -1.52 -3.08 2.62
N LYS A 30 -2.32 -4.02 2.17
CA LYS A 30 -3.73 -4.07 2.52
C LYS A 30 -3.88 -4.85 3.81
N ASN A 31 -3.85 -4.12 4.92
CA ASN A 31 -3.94 -4.72 6.24
C ASN A 31 -2.79 -5.68 6.46
N GLY A 1 -1.35 -4.93 5.81
CA GLY A 1 -0.26 -5.89 5.82
C GLY A 1 -0.15 -6.68 4.53
N SER A 2 -1.28 -6.91 3.88
CA SER A 2 -1.32 -7.68 2.63
C SER A 2 -0.82 -6.85 1.44
N ILE A 3 0.41 -7.12 1.01
CA ILE A 3 1.00 -6.41 -0.13
C ILE A 3 0.41 -6.87 -1.47
N PRO A 4 0.51 -8.17 -1.80
CA PRO A 4 -0.01 -8.71 -3.08
C PRO A 4 -1.50 -8.50 -3.24
N ALA A 5 -2.21 -8.46 -2.11
CA ALA A 5 -3.66 -8.28 -2.13
C ALA A 5 -4.03 -6.85 -2.51
N CYS A 6 -3.20 -5.90 -2.11
CA CYS A 6 -3.46 -4.51 -2.40
C CYS A 6 -3.03 -4.13 -3.81
N GLY A 7 -1.78 -4.44 -4.14
CA GLY A 7 -1.26 -4.10 -5.47
C GLY A 7 -0.79 -2.67 -5.57
N GLU A 8 -1.43 -1.78 -4.82
CA GLU A 8 -1.10 -0.36 -4.81
C GLU A 8 0.38 -0.12 -4.49
N SER A 9 0.96 0.87 -5.15
CA SER A 9 2.35 1.21 -4.95
C SER A 9 2.49 2.57 -4.27
N CYS A 10 3.30 2.60 -3.22
CA CYS A 10 3.57 3.83 -2.49
C CYS A 10 4.76 4.54 -3.10
N PHE A 11 4.59 4.98 -4.34
CA PHE A 11 5.63 5.66 -5.09
C PHE A 11 5.88 7.10 -4.60
N LYS A 12 6.03 7.25 -3.28
CA LYS A 12 6.28 8.56 -2.65
C LYS A 12 5.02 9.41 -2.71
N GLY A 13 3.98 8.96 -2.03
CA GLY A 13 2.73 9.69 -2.03
C GLY A 13 1.75 9.15 -1.02
N LYS A 14 0.71 8.50 -1.50
CA LYS A 14 -0.31 7.93 -0.65
C LYS A 14 -1.05 6.82 -1.38
N CYS A 15 -1.50 5.82 -0.65
CA CYS A 15 -2.21 4.70 -1.23
C CYS A 15 -3.64 5.10 -1.57
N TYR A 16 -4.08 4.80 -2.79
CA TYR A 16 -5.43 5.12 -3.21
C TYR A 16 -6.40 4.07 -2.71
N THR A 17 -5.96 2.81 -2.76
CA THR A 17 -6.78 1.69 -2.33
C THR A 17 -7.05 1.75 -0.82
N PRO A 18 -8.34 1.90 -0.44
CA PRO A 18 -8.74 1.97 0.97
C PRO A 18 -8.30 0.72 1.74
N GLY A 19 -7.71 0.95 2.90
CA GLY A 19 -7.25 -0.16 3.71
C GLY A 19 -5.77 -0.39 3.55
N CYS A 20 -5.19 0.14 2.48
CA CYS A 20 -3.76 -0.02 2.26
C CYS A 20 -2.98 1.10 2.90
N SER A 21 -1.80 0.76 3.41
CA SER A 21 -0.94 1.72 4.05
C SER A 21 0.51 1.54 3.57
N CYS A 22 1.26 2.62 3.54
CA CYS A 22 2.65 2.61 3.10
C CYS A 22 3.54 2.00 4.19
N SER A 23 3.17 0.81 4.65
CA SER A 23 3.89 0.11 5.70
C SER A 23 5.10 -0.62 5.16
N LYS A 24 5.21 -0.70 3.83
CA LYS A 24 6.33 -1.39 3.19
C LYS A 24 6.77 -0.64 1.94
N TYR A 25 7.26 0.59 2.15
CA TYR A 25 7.74 1.44 1.06
C TYR A 25 8.69 0.67 0.12
N PRO A 26 8.54 0.82 -1.20
CA PRO A 26 7.54 1.71 -1.82
C PRO A 26 6.26 0.99 -2.22
N LEU A 27 5.80 0.06 -1.40
CA LEU A 27 4.58 -0.67 -1.69
C LEU A 27 3.53 -0.46 -0.62
N CYS A 28 2.28 -0.44 -1.04
CA CYS A 28 1.17 -0.26 -0.13
C CYS A 28 0.61 -1.61 0.30
N ALA A 29 0.51 -1.79 1.60
CA ALA A 29 0.01 -3.03 2.15
C ALA A 29 -1.41 -2.88 2.65
N LYS A 30 -2.31 -3.71 2.15
CA LYS A 30 -3.69 -3.70 2.59
C LYS A 30 -3.75 -4.37 3.95
N ASN A 31 -3.57 -3.57 4.99
CA ASN A 31 -3.53 -4.07 6.35
C ASN A 31 -2.48 -5.16 6.47
N GLY A 1 -2.03 -4.95 5.89
CA GLY A 1 -0.93 -5.84 6.16
C GLY A 1 -0.48 -6.65 4.96
N SER A 2 -1.41 -6.95 4.06
CA SER A 2 -1.10 -7.74 2.87
C SER A 2 -0.68 -6.85 1.70
N ILE A 3 0.63 -6.79 1.45
CA ILE A 3 1.17 -5.98 0.36
C ILE A 3 0.65 -6.46 -1.01
N PRO A 4 0.84 -7.75 -1.37
CA PRO A 4 0.41 -8.30 -2.66
C PRO A 4 -1.10 -8.13 -2.91
N ALA A 5 -1.87 -8.11 -1.83
CA ALA A 5 -3.32 -7.95 -1.93
C ALA A 5 -3.69 -6.58 -2.46
N CYS A 6 -2.97 -5.55 -2.03
CA CYS A 6 -3.25 -4.20 -2.47
C CYS A 6 -2.64 -3.94 -3.84
N GLY A 7 -1.36 -4.27 -3.99
CA GLY A 7 -0.68 -4.09 -5.27
C GLY A 7 -0.22 -2.65 -5.49
N GLU A 8 -1.05 -1.68 -5.10
CA GLU A 8 -0.74 -0.27 -5.29
C GLU A 8 0.60 0.08 -4.64
N SER A 9 1.43 0.79 -5.39
CA SER A 9 2.74 1.20 -4.91
C SER A 9 2.66 2.57 -4.23
N CYS A 10 3.36 2.72 -3.11
CA CYS A 10 3.37 3.99 -2.39
C CYS A 10 4.75 4.63 -2.46
N PHE A 11 4.80 5.86 -2.96
CA PHE A 11 6.05 6.59 -3.10
C PHE A 11 6.52 7.17 -1.76
N LYS A 12 5.58 7.78 -1.04
CA LYS A 12 5.88 8.40 0.24
C LYS A 12 4.60 8.55 1.05
N GLY A 13 3.97 7.43 1.32
CA GLY A 13 2.74 7.45 2.08
C GLY A 13 1.56 7.87 1.21
N LYS A 14 1.42 7.19 0.08
CA LYS A 14 0.35 7.47 -0.85
C LYS A 14 -0.33 6.16 -1.19
N CYS A 15 -1.63 6.09 -0.93
CA CYS A 15 -2.41 4.91 -1.19
C CYS A 15 -3.87 5.32 -1.43
N TYR A 16 -4.42 4.89 -2.55
CA TYR A 16 -5.80 5.21 -2.90
C TYR A 16 -6.73 4.09 -2.45
N THR A 17 -6.22 2.87 -2.52
CA THR A 17 -6.99 1.70 -2.14
C THR A 17 -7.32 1.73 -0.64
N PRO A 18 -8.62 1.81 -0.30
CA PRO A 18 -9.06 1.85 1.09
C PRO A 18 -8.60 0.66 1.90
N GLY A 19 -8.03 0.94 3.06
CA GLY A 19 -7.53 -0.11 3.92
C GLY A 19 -6.06 -0.37 3.71
N CYS A 20 -5.48 0.20 2.67
CA CYS A 20 -4.06 0.01 2.40
C CYS A 20 -3.22 1.07 3.10
N SER A 21 -2.05 0.65 3.55
CA SER A 21 -1.11 1.53 4.22
C SER A 21 0.29 1.28 3.69
N CYS A 22 1.09 2.33 3.58
CA CYS A 22 2.47 2.22 3.08
C CYS A 22 3.36 1.53 4.12
N SER A 23 3.13 0.23 4.30
CA SER A 23 3.85 -0.56 5.29
C SER A 23 5.34 -0.71 4.93
N LYS A 24 5.65 -0.71 3.64
CA LYS A 24 7.03 -0.85 3.21
C LYS A 24 7.24 -0.29 1.81
N TYR A 25 8.07 0.73 1.73
CA TYR A 25 8.39 1.37 0.46
C TYR A 25 9.01 0.37 -0.52
N PRO A 26 8.59 0.39 -1.79
CA PRO A 26 7.60 1.32 -2.32
C PRO A 26 6.24 0.66 -2.57
N LEU A 27 5.80 -0.22 -1.69
CA LEU A 27 4.53 -0.89 -1.88
C LEU A 27 3.57 -0.69 -0.73
N CYS A 28 2.32 -0.47 -1.09
CA CYS A 28 1.27 -0.28 -0.10
C CYS A 28 0.68 -1.64 0.27
N ALA A 29 0.34 -1.81 1.53
CA ALA A 29 -0.21 -3.07 2.01
C ALA A 29 -1.67 -2.95 2.41
N LYS A 30 -2.47 -3.88 1.92
CA LYS A 30 -3.88 -3.93 2.24
C LYS A 30 -4.03 -4.57 3.62
N ASN A 31 -4.21 -3.72 4.64
CA ASN A 31 -4.31 -4.15 6.04
C ASN A 31 -3.25 -5.18 6.40
N GLY A 1 -0.76 -5.28 6.00
CA GLY A 1 0.27 -6.28 5.86
C GLY A 1 0.22 -7.00 4.52
N SER A 2 -0.98 -7.15 3.99
CA SER A 2 -1.17 -7.83 2.70
C SER A 2 -0.86 -6.91 1.52
N ILE A 3 0.38 -6.96 1.02
CA ILE A 3 0.79 -6.14 -0.12
C ILE A 3 0.04 -6.55 -1.40
N PRO A 4 0.05 -7.86 -1.77
CA PRO A 4 -0.62 -8.35 -3.00
C PRO A 4 -2.08 -7.94 -3.11
N ALA A 5 -2.73 -7.69 -1.97
CA ALA A 5 -4.13 -7.30 -1.97
C ALA A 5 -4.32 -5.95 -2.64
N CYS A 6 -3.49 -4.98 -2.25
CA CYS A 6 -3.56 -3.64 -2.82
C CYS A 6 -2.83 -3.59 -4.14
N GLY A 7 -1.55 -3.99 -4.11
CA GLY A 7 -0.74 -4.03 -5.30
C GLY A 7 -0.16 -2.67 -5.69
N GLU A 8 -0.89 -1.59 -5.44
CA GLU A 8 -0.42 -0.27 -5.82
C GLU A 8 0.75 0.21 -4.95
N SER A 9 1.56 1.07 -5.53
CA SER A 9 2.71 1.64 -4.87
C SER A 9 2.32 2.98 -4.25
N CYS A 10 2.94 3.31 -3.14
CA CYS A 10 2.65 4.56 -2.46
C CYS A 10 3.54 5.67 -3.02
N PHE A 11 4.73 5.26 -3.48
CA PHE A 11 5.75 6.17 -4.06
C PHE A 11 5.90 7.48 -3.30
N LYS A 12 6.04 7.37 -1.97
CA LYS A 12 6.20 8.53 -1.09
C LYS A 12 4.95 9.40 -1.06
N GLY A 13 3.79 8.76 -0.96
CA GLY A 13 2.56 9.51 -0.93
C GLY A 13 1.37 8.68 -0.48
N LYS A 14 0.20 9.05 -0.97
CA LYS A 14 -1.03 8.37 -0.63
C LYS A 14 -1.21 7.09 -1.43
N CYS A 15 -1.94 6.15 -0.86
CA CYS A 15 -2.22 4.88 -1.53
C CYS A 15 -3.44 5.02 -2.43
N TYR A 16 -3.98 3.91 -2.90
CA TYR A 16 -5.15 3.94 -3.76
C TYR A 16 -6.22 2.99 -3.24
N THR A 17 -5.81 1.80 -2.84
CA THR A 17 -6.74 0.84 -2.30
C THR A 17 -7.11 1.22 -0.87
N PRO A 18 -8.41 1.44 -0.60
CA PRO A 18 -8.90 1.84 0.72
C PRO A 18 -8.48 0.85 1.80
N GLY A 19 -7.93 1.39 2.87
CA GLY A 19 -7.49 0.56 3.98
C GLY A 19 -6.03 0.16 3.88
N CYS A 20 -5.39 0.43 2.75
CA CYS A 20 -3.99 0.07 2.57
C CYS A 20 -3.07 1.18 3.04
N SER A 21 -1.91 0.79 3.55
CA SER A 21 -0.92 1.73 4.04
C SER A 21 0.46 1.34 3.54
N CYS A 22 1.30 2.33 3.25
CA CYS A 22 2.64 2.07 2.75
C CYS A 22 3.57 1.61 3.87
N SER A 23 3.19 0.55 4.55
CA SER A 23 3.99 0.00 5.64
C SER A 23 5.19 -0.75 5.07
N LYS A 24 5.10 -1.05 3.78
CA LYS A 24 6.15 -1.76 3.08
C LYS A 24 6.66 -0.92 1.93
N TYR A 25 7.20 0.25 2.29
CA TYR A 25 7.74 1.22 1.32
C TYR A 25 8.53 0.53 0.20
N PRO A 26 8.25 0.90 -1.05
CA PRO A 26 7.26 1.91 -1.42
C PRO A 26 5.92 1.32 -1.86
N LEU A 27 5.55 0.18 -1.31
CA LEU A 27 4.30 -0.47 -1.67
C LEU A 27 3.26 -0.38 -0.56
N CYS A 28 2.02 -0.24 -0.95
CA CYS A 28 0.92 -0.17 0.00
C CYS A 28 0.42 -1.57 0.35
N ALA A 29 0.36 -1.86 1.63
CA ALA A 29 -0.08 -3.16 2.10
C ALA A 29 -1.40 -3.05 2.84
N LYS A 30 -2.30 -3.99 2.57
CA LYS A 30 -3.59 -4.02 3.21
C LYS A 30 -3.45 -4.65 4.59
N ASN A 31 -3.01 -3.84 5.54
CA ASN A 31 -2.76 -4.28 6.91
C ASN A 31 -1.74 -5.42 6.88
N GLY A 1 -1.78 -4.84 5.71
CA GLY A 1 -0.57 -5.62 5.93
C GLY A 1 -0.24 -6.55 4.76
N SER A 2 -1.24 -6.93 4.00
CA SER A 2 -1.04 -7.83 2.87
C SER A 2 -0.68 -7.05 1.60
N ILE A 3 0.55 -7.21 1.15
CA ILE A 3 1.03 -6.52 -0.05
C ILE A 3 0.35 -7.05 -1.33
N PRO A 4 0.37 -8.38 -1.59
CA PRO A 4 -0.24 -8.96 -2.80
C PRO A 4 -1.71 -8.60 -2.95
N ALA A 5 -2.41 -8.46 -1.83
CA ALA A 5 -3.82 -8.12 -1.86
C ALA A 5 -4.04 -6.65 -2.18
N CYS A 6 -3.02 -5.83 -1.91
CA CYS A 6 -3.11 -4.40 -2.16
C CYS A 6 -2.83 -4.05 -3.61
N GLY A 7 -1.63 -4.40 -4.09
CA GLY A 7 -1.25 -4.07 -5.45
C GLY A 7 -0.73 -2.65 -5.57
N GLU A 8 -1.32 -1.75 -4.80
CA GLU A 8 -0.95 -0.33 -4.79
C GLU A 8 0.53 -0.15 -4.43
N SER A 9 1.18 0.78 -5.10
CA SER A 9 2.58 1.06 -4.83
C SER A 9 2.76 2.54 -4.45
N CYS A 10 3.21 2.77 -3.23
CA CYS A 10 3.42 4.13 -2.74
C CYS A 10 4.83 4.62 -3.05
N PHE A 11 5.26 4.45 -4.30
CA PHE A 11 6.59 4.87 -4.71
C PHE A 11 6.77 6.38 -4.61
N LYS A 12 5.72 7.12 -5.00
CA LYS A 12 5.75 8.58 -4.95
C LYS A 12 4.35 9.12 -4.75
N GLY A 13 3.59 8.48 -3.88
CA GLY A 13 2.23 8.90 -3.62
C GLY A 13 1.56 8.04 -2.58
N LYS A 14 0.54 8.59 -1.93
CA LYS A 14 -0.20 7.87 -0.91
C LYS A 14 -1.06 6.78 -1.53
N CYS A 15 -1.36 5.75 -0.76
CA CYS A 15 -2.19 4.65 -1.25
C CYS A 15 -3.60 5.16 -1.55
N TYR A 16 -4.13 4.79 -2.71
CA TYR A 16 -5.47 5.20 -3.10
C TYR A 16 -6.50 4.21 -2.59
N THR A 17 -6.19 2.93 -2.72
CA THR A 17 -7.09 1.88 -2.28
C THR A 17 -7.22 1.84 -0.75
N PRO A 18 -8.45 2.08 -0.26
CA PRO A 18 -8.75 2.10 1.18
C PRO A 18 -8.34 0.79 1.84
N GLY A 19 -7.73 0.92 3.01
CA GLY A 19 -7.28 -0.25 3.71
C GLY A 19 -5.79 -0.47 3.55
N CYS A 20 -5.21 0.12 2.51
CA CYS A 20 -3.78 -0.03 2.29
C CYS A 20 -3.00 1.06 2.99
N SER A 21 -1.81 0.69 3.42
CA SER A 21 -0.91 1.60 4.10
C SER A 21 0.49 1.40 3.56
N CYS A 22 1.25 2.47 3.45
CA CYS A 22 2.62 2.41 2.94
C CYS A 22 3.55 1.84 4.01
N SER A 23 3.19 0.68 4.55
CA SER A 23 3.96 0.03 5.59
C SER A 23 5.07 -0.83 4.98
N LYS A 24 5.34 -0.59 3.70
CA LYS A 24 6.35 -1.33 2.96
C LYS A 24 6.86 -0.49 1.79
N TYR A 25 7.30 0.73 2.09
CA TYR A 25 7.81 1.64 1.06
C TYR A 25 8.80 0.94 0.13
N PRO A 26 8.68 1.14 -1.20
CA PRO A 26 7.68 2.01 -1.81
C PRO A 26 6.42 1.30 -2.32
N LEU A 27 5.86 0.39 -1.53
CA LEU A 27 4.65 -0.33 -1.92
C LEU A 27 3.66 -0.38 -0.77
N CYS A 28 2.38 -0.26 -1.09
CA CYS A 28 1.33 -0.27 -0.10
C CYS A 28 0.84 -1.68 0.21
N ALA A 29 0.52 -1.90 1.48
CA ALA A 29 0.02 -3.19 1.92
C ALA A 29 -1.43 -3.07 2.36
N LYS A 30 -2.27 -3.97 1.86
CA LYS A 30 -3.69 -3.98 2.20
C LYS A 30 -3.86 -4.64 3.56
N ASN A 31 -3.97 -3.81 4.59
CA ASN A 31 -4.12 -4.29 5.96
C ASN A 31 -2.93 -5.20 6.29
N GLY A 1 -1.56 -5.07 5.83
CA GLY A 1 -0.63 -6.17 5.99
C GLY A 1 -0.50 -7.02 4.74
N SER A 2 -1.56 -7.09 3.95
CA SER A 2 -1.57 -7.88 2.74
C SER A 2 -1.09 -7.08 1.52
N ILE A 3 0.14 -7.34 1.10
CA ILE A 3 0.72 -6.64 -0.04
C ILE A 3 0.04 -7.06 -1.35
N PRO A 4 0.00 -8.37 -1.69
CA PRO A 4 -0.62 -8.85 -2.93
C PRO A 4 -2.09 -8.46 -3.05
N ALA A 5 -2.76 -8.34 -1.92
CA ALA A 5 -4.17 -7.97 -1.90
C ALA A 5 -4.37 -6.52 -2.32
N CYS A 6 -3.41 -5.68 -2.00
CA CYS A 6 -3.49 -4.26 -2.35
C CYS A 6 -3.10 -4.04 -3.80
N GLY A 7 -1.92 -4.55 -4.17
CA GLY A 7 -1.43 -4.40 -5.53
C GLY A 7 -1.28 -2.95 -5.97
N GLU A 8 -0.75 -2.11 -5.07
CA GLU A 8 -0.56 -0.70 -5.38
C GLU A 8 0.54 -0.10 -4.48
N SER A 9 1.28 0.82 -5.04
CA SER A 9 2.36 1.50 -4.34
C SER A 9 1.83 2.76 -3.66
N CYS A 10 2.58 3.28 -2.69
CA CYS A 10 2.15 4.48 -1.99
C CYS A 10 2.65 5.72 -2.74
N PHE A 11 3.61 5.49 -3.63
CA PHE A 11 4.19 6.55 -4.45
C PHE A 11 4.73 7.67 -3.55
N LYS A 12 5.47 7.26 -2.53
CA LYS A 12 6.07 8.20 -1.57
C LYS A 12 5.00 8.99 -0.81
N GLY A 13 3.97 8.30 -0.35
CA GLY A 13 2.93 9.01 0.38
C GLY A 13 1.66 8.21 0.59
N LYS A 14 0.55 8.83 0.22
CA LYS A 14 -0.80 8.26 0.36
C LYS A 14 -0.99 6.96 -0.41
N CYS A 15 -1.96 6.18 0.02
CA CYS A 15 -2.30 4.93 -0.63
C CYS A 15 -3.57 5.09 -1.46
N TYR A 16 -3.61 4.41 -2.59
CA TYR A 16 -4.76 4.50 -3.48
C TYR A 16 -5.83 3.51 -3.07
N THR A 17 -5.43 2.25 -2.87
CA THR A 17 -6.35 1.21 -2.48
C THR A 17 -6.81 1.40 -1.02
N PRO A 18 -8.14 1.45 -0.80
CA PRO A 18 -8.71 1.64 0.53
C PRO A 18 -8.25 0.58 1.53
N GLY A 19 -7.80 1.05 2.68
CA GLY A 19 -7.34 0.16 3.72
C GLY A 19 -5.86 -0.17 3.60
N CYS A 20 -5.21 0.33 2.57
CA CYS A 20 -3.79 0.06 2.39
C CYS A 20 -2.94 1.11 3.08
N SER A 21 -1.78 0.68 3.54
CA SER A 21 -0.82 1.55 4.20
C SER A 21 0.57 1.24 3.67
N CYS A 22 1.38 2.26 3.44
CA CYS A 22 2.73 2.04 2.91
C CYS A 22 3.64 1.46 4.00
N SER A 23 3.31 0.24 4.41
CA SER A 23 4.04 -0.47 5.45
C SER A 23 5.48 -0.76 5.01
N LYS A 24 5.71 -0.70 3.71
CA LYS A 24 7.03 -0.93 3.16
C LYS A 24 7.22 -0.06 1.93
N TYR A 25 8.07 0.94 2.06
CA TYR A 25 8.36 1.88 0.99
C TYR A 25 8.91 1.15 -0.24
N PRO A 26 8.39 1.46 -1.44
CA PRO A 26 7.37 2.46 -1.66
C PRO A 26 6.01 1.87 -2.06
N LEU A 27 5.64 0.73 -1.49
CA LEU A 27 4.37 0.08 -1.84
C LEU A 27 3.42 -0.01 -0.65
N CYS A 28 2.13 0.05 -0.95
CA CYS A 28 1.10 -0.03 0.08
C CYS A 28 0.67 -1.46 0.34
N ALA A 29 0.56 -1.79 1.61
CA ALA A 29 0.11 -3.09 2.03
C ALA A 29 -1.32 -2.95 2.53
N LYS A 30 -2.21 -3.78 2.04
CA LYS A 30 -3.60 -3.74 2.46
C LYS A 30 -3.72 -4.33 3.85
N ASN A 31 -3.56 -3.45 4.85
CA ASN A 31 -3.57 -3.80 6.27
C ASN A 31 -2.69 -5.03 6.53
N GLY A 1 -1.70 -5.01 5.91
CA GLY A 1 -0.47 -5.75 6.13
C GLY A 1 -0.05 -6.58 4.92
N SER A 2 -1.02 -7.04 4.13
CA SER A 2 -0.71 -7.85 2.96
C SER A 2 -0.47 -6.99 1.73
N ILE A 3 0.79 -6.86 1.34
CA ILE A 3 1.17 -6.06 0.16
C ILE A 3 0.57 -6.62 -1.13
N PRO A 4 0.83 -7.92 -1.45
CA PRO A 4 0.32 -8.55 -2.69
C PRO A 4 -1.20 -8.47 -2.81
N ALA A 5 -1.88 -8.46 -1.66
CA ALA A 5 -3.34 -8.40 -1.64
C ALA A 5 -3.84 -7.07 -2.19
N CYS A 6 -3.16 -5.99 -1.84
CA CYS A 6 -3.55 -4.67 -2.30
C CYS A 6 -3.04 -4.39 -3.70
N GLY A 7 -1.76 -4.67 -3.95
CA GLY A 7 -1.17 -4.41 -5.26
C GLY A 7 -1.18 -2.92 -5.54
N GLU A 8 -0.98 -2.14 -4.50
CA GLU A 8 -0.99 -0.69 -4.58
C GLU A 8 0.40 -0.11 -4.39
N SER A 9 0.66 1.00 -5.07
CA SER A 9 1.92 1.70 -4.94
C SER A 9 1.69 2.99 -4.17
N CYS A 10 2.44 3.20 -3.10
CA CYS A 10 2.26 4.39 -2.29
C CYS A 10 3.09 5.55 -2.82
N PHE A 11 4.27 5.22 -3.36
CA PHE A 11 5.20 6.20 -3.92
C PHE A 11 5.65 7.18 -2.83
N LYS A 12 4.88 8.25 -2.64
CA LYS A 12 5.19 9.25 -1.63
C LYS A 12 4.76 8.75 -0.25
N GLY A 13 3.66 8.01 -0.22
CA GLY A 13 3.15 7.48 1.02
C GLY A 13 1.66 7.23 0.95
N LYS A 14 0.91 8.24 0.54
CA LYS A 14 -0.52 8.14 0.44
C LYS A 14 -0.94 7.14 -0.63
N CYS A 15 -1.69 6.15 -0.22
CA CYS A 15 -2.19 5.14 -1.14
C CYS A 15 -3.59 5.53 -1.60
N TYR A 16 -3.92 5.20 -2.82
CA TYR A 16 -5.23 5.51 -3.38
C TYR A 16 -6.24 4.48 -2.90
N THR A 17 -5.81 3.22 -2.89
CA THR A 17 -6.64 2.10 -2.48
C THR A 17 -6.97 2.15 -0.97
N PRO A 18 -8.24 2.43 -0.65
CA PRO A 18 -8.71 2.52 0.74
C PRO A 18 -8.40 1.26 1.54
N GLY A 19 -7.96 1.46 2.77
CA GLY A 19 -7.62 0.35 3.63
C GLY A 19 -6.16 -0.05 3.54
N CYS A 20 -5.49 0.36 2.47
CA CYS A 20 -4.09 0.01 2.30
C CYS A 20 -3.18 1.06 2.92
N SER A 21 -2.06 0.59 3.47
CA SER A 21 -1.07 1.45 4.08
C SER A 21 0.32 1.03 3.61
N CYS A 22 1.17 1.99 3.29
CA CYS A 22 2.50 1.70 2.80
C CYS A 22 3.43 1.24 3.93
N SER A 23 3.25 0.01 4.36
CA SER A 23 4.06 -0.56 5.43
C SER A 23 5.43 -0.98 4.92
N LYS A 24 5.57 -1.04 3.59
CA LYS A 24 6.83 -1.42 2.97
C LYS A 24 7.09 -0.57 1.74
N TYR A 25 7.51 0.66 1.97
CA TYR A 25 7.81 1.60 0.90
C TYR A 25 8.68 0.98 -0.20
N PRO A 26 8.37 1.28 -1.47
CA PRO A 26 7.27 2.16 -1.84
C PRO A 26 5.98 1.40 -2.17
N LEU A 27 5.83 0.21 -1.61
CA LEU A 27 4.65 -0.61 -1.86
C LEU A 27 3.65 -0.53 -0.73
N CYS A 28 2.40 -0.39 -1.11
CA CYS A 28 1.32 -0.30 -0.16
C CYS A 28 0.77 -1.70 0.18
N ALA A 29 0.38 -1.89 1.43
CA ALA A 29 -0.13 -3.17 1.88
C ALA A 29 -1.58 -3.08 2.33
N LYS A 30 -2.37 -4.09 1.96
CA LYS A 30 -3.76 -4.17 2.35
C LYS A 30 -3.85 -4.85 3.70
N ASN A 31 -4.00 -4.05 4.75
CA ASN A 31 -4.08 -4.57 6.11
C ASN A 31 -2.86 -5.44 6.42
N GLY A 1 -1.18 -4.90 5.80
CA GLY A 1 -0.01 -5.77 5.84
C GLY A 1 0.12 -6.65 4.61
N SER A 2 -1.00 -6.95 3.95
CA SER A 2 -0.99 -7.79 2.77
C SER A 2 -0.72 -6.97 1.51
N ILE A 3 0.50 -7.04 1.01
CA ILE A 3 0.88 -6.31 -0.20
C ILE A 3 0.15 -6.84 -1.44
N PRO A 4 0.22 -8.16 -1.73
CA PRO A 4 -0.45 -8.74 -2.91
C PRO A 4 -1.96 -8.48 -2.90
N ALA A 5 -2.54 -8.43 -1.71
CA ALA A 5 -3.96 -8.17 -1.57
C ALA A 5 -4.29 -6.73 -1.97
N CYS A 6 -3.35 -5.84 -1.73
CA CYS A 6 -3.54 -4.44 -2.06
C CYS A 6 -3.27 -4.18 -3.54
N GLY A 7 -2.07 -4.54 -4.00
CA GLY A 7 -1.71 -4.29 -5.38
C GLY A 7 -1.62 -2.81 -5.67
N GLU A 8 -0.99 -2.09 -4.74
CA GLU A 8 -0.86 -0.65 -4.85
C GLU A 8 0.52 -0.19 -4.38
N SER A 9 1.00 0.89 -4.97
CA SER A 9 2.28 1.46 -4.61
C SER A 9 2.05 2.84 -4.00
N CYS A 10 2.73 3.15 -2.91
CA CYS A 10 2.54 4.44 -2.27
C CYS A 10 3.48 5.45 -2.90
N PHE A 11 4.64 4.96 -3.36
CA PHE A 11 5.66 5.76 -4.05
C PHE A 11 6.24 6.89 -3.18
N LYS A 12 5.42 7.86 -2.85
CA LYS A 12 5.86 9.00 -2.05
C LYS A 12 4.64 9.74 -1.46
N GLY A 13 3.49 9.09 -1.48
CA GLY A 13 2.30 9.71 -0.95
C GLY A 13 1.32 8.69 -0.38
N LYS A 14 0.03 9.02 -0.44
CA LYS A 14 -1.00 8.14 0.07
C LYS A 14 -1.43 7.13 -0.99
N CYS A 15 -1.85 5.97 -0.53
CA CYS A 15 -2.32 4.92 -1.44
C CYS A 15 -3.73 5.24 -1.91
N TYR A 16 -4.05 4.84 -3.14
CA TYR A 16 -5.37 5.09 -3.69
C TYR A 16 -6.37 4.07 -3.15
N THR A 17 -5.91 2.83 -3.03
CA THR A 17 -6.76 1.75 -2.54
C THR A 17 -7.07 1.89 -1.04
N PRO A 18 -8.35 2.13 -0.71
CA PRO A 18 -8.80 2.28 0.68
C PRO A 18 -8.46 1.07 1.52
N GLY A 19 -7.96 1.30 2.72
CA GLY A 19 -7.59 0.22 3.59
C GLY A 19 -6.13 -0.15 3.48
N CYS A 20 -5.46 0.34 2.46
CA CYS A 20 -4.06 0.03 2.28
C CYS A 20 -3.16 1.02 3.00
N SER A 21 -2.03 0.52 3.47
CA SER A 21 -1.03 1.33 4.16
C SER A 21 0.35 0.96 3.63
N CYS A 22 1.19 1.96 3.39
CA CYS A 22 2.54 1.70 2.86
C CYS A 22 3.45 1.13 3.95
N SER A 23 3.20 -0.13 4.30
CA SER A 23 3.96 -0.82 5.34
C SER A 23 5.44 -0.97 4.94
N LYS A 24 5.67 -1.23 3.66
CA LYS A 24 7.04 -1.37 3.16
C LYS A 24 7.29 -0.41 2.01
N TYR A 25 7.70 0.79 2.37
CA TYR A 25 7.99 1.86 1.42
C TYR A 25 8.88 1.36 0.28
N PRO A 26 8.53 1.69 -0.99
CA PRO A 26 7.37 2.50 -1.33
C PRO A 26 6.16 1.67 -1.79
N LEU A 27 6.06 0.45 -1.31
CA LEU A 27 4.96 -0.42 -1.68
C LEU A 27 3.87 -0.41 -0.63
N CYS A 28 2.64 -0.28 -1.09
CA CYS A 28 1.51 -0.25 -0.19
C CYS A 28 0.99 -1.65 0.08
N ALA A 29 0.58 -1.89 1.32
CA ALA A 29 0.06 -3.16 1.74
C ALA A 29 -1.31 -2.99 2.37
N LYS A 30 -2.26 -3.84 2.01
CA LYS A 30 -3.59 -3.74 2.57
C LYS A 30 -3.60 -4.46 3.91
N ASN A 31 -3.47 -3.68 4.98
CA ASN A 31 -3.43 -4.22 6.33
C ASN A 31 -2.28 -5.22 6.46
N GLY A 1 -1.67 -4.98 5.83
CA GLY A 1 -0.53 -5.86 6.07
C GLY A 1 -0.15 -6.69 4.85
N SER A 2 -1.13 -7.11 4.06
CA SER A 2 -0.86 -7.92 2.88
C SER A 2 -0.59 -7.06 1.65
N ILE A 3 0.64 -7.09 1.17
CA ILE A 3 1.03 -6.32 -0.01
C ILE A 3 0.41 -6.89 -1.30
N PRO A 4 0.56 -8.21 -1.57
CA PRO A 4 0.01 -8.82 -2.78
C PRO A 4 -1.51 -8.65 -2.89
N ALA A 5 -2.18 -8.66 -1.75
CA ALA A 5 -3.63 -8.49 -1.71
C ALA A 5 -4.00 -7.01 -1.84
N CYS A 6 -3.01 -6.14 -1.74
CA CYS A 6 -3.23 -4.72 -1.84
C CYS A 6 -3.33 -4.26 -3.28
N GLY A 7 -2.25 -4.45 -4.03
CA GLY A 7 -2.23 -4.03 -5.42
C GLY A 7 -2.16 -2.51 -5.53
N GLU A 8 -1.29 -1.91 -4.71
CA GLU A 8 -1.12 -0.47 -4.67
C GLU A 8 0.34 -0.11 -4.37
N SER A 9 0.81 0.96 -4.96
CA SER A 9 2.17 1.42 -4.76
C SER A 9 2.18 2.82 -4.13
N CYS A 10 3.02 3.01 -3.13
CA CYS A 10 3.10 4.30 -2.47
C CYS A 10 4.42 5.00 -2.79
N PHE A 11 4.31 6.22 -3.31
CA PHE A 11 5.50 6.99 -3.65
C PHE A 11 5.61 8.17 -2.69
N LYS A 12 5.97 9.34 -3.21
CA LYS A 12 6.09 10.52 -2.38
C LYS A 12 4.71 11.14 -2.13
N GLY A 13 3.85 10.37 -1.50
CA GLY A 13 2.51 10.84 -1.21
C GLY A 13 1.79 9.93 -0.23
N LYS A 14 1.03 8.97 -0.75
CA LYS A 14 0.28 8.03 0.08
C LYS A 14 -0.36 6.96 -0.80
N CYS A 15 -1.19 6.15 -0.19
CA CYS A 15 -1.89 5.09 -0.91
C CYS A 15 -3.30 5.55 -1.25
N TYR A 16 -3.74 5.26 -2.46
CA TYR A 16 -5.08 5.64 -2.89
C TYR A 16 -6.05 4.50 -2.62
N THR A 17 -5.58 3.28 -2.84
CA THR A 17 -6.38 2.09 -2.63
C THR A 17 -6.77 1.93 -1.16
N PRO A 18 -8.08 2.01 -0.87
CA PRO A 18 -8.62 1.88 0.48
C PRO A 18 -8.18 0.60 1.17
N GLY A 19 -7.77 0.73 2.43
CA GLY A 19 -7.32 -0.42 3.18
C GLY A 19 -5.82 -0.60 3.12
N CYS A 20 -5.18 0.01 2.13
CA CYS A 20 -3.74 -0.12 2.01
C CYS A 20 -3.00 1.00 2.74
N SER A 21 -1.84 0.65 3.26
CA SER A 21 -0.98 1.58 3.97
C SER A 21 0.45 1.38 3.50
N CYS A 22 1.23 2.46 3.43
CA CYS A 22 2.61 2.37 2.97
C CYS A 22 3.51 1.77 4.07
N SER A 23 3.20 0.54 4.45
CA SER A 23 3.93 -0.16 5.48
C SER A 23 5.28 -0.68 4.96
N LYS A 24 5.42 -0.74 3.63
CA LYS A 24 6.64 -1.23 3.02
C LYS A 24 6.97 -0.43 1.77
N TYR A 25 7.36 0.84 1.99
CA TYR A 25 7.71 1.76 0.91
C TYR A 25 8.67 1.09 -0.09
N PRO A 26 8.44 1.26 -1.41
CA PRO A 26 7.35 2.06 -1.95
C PRO A 26 6.10 1.25 -2.31
N LEU A 27 5.76 0.27 -1.48
CA LEU A 27 4.58 -0.55 -1.74
C LEU A 27 3.59 -0.49 -0.59
N CYS A 28 2.33 -0.37 -0.97
CA CYS A 28 1.24 -0.31 0.00
C CYS A 28 0.78 -1.71 0.37
N ALA A 29 0.45 -1.90 1.64
CA ALA A 29 -0.02 -3.18 2.13
C ALA A 29 -1.49 -3.08 2.50
N LYS A 30 -2.28 -4.03 2.01
CA LYS A 30 -3.71 -4.08 2.30
C LYS A 30 -3.89 -4.68 3.68
N ASN A 31 -3.84 -3.82 4.68
CA ASN A 31 -3.95 -4.22 6.08
C ASN A 31 -2.85 -5.22 6.40
#